data_7S16
#
_entry.id   7S16
#
_cell.length_a   35.868
_cell.length_b   56.712
_cell.length_c   70.548
_cell.angle_alpha   90.00
_cell.angle_beta   99.37
_cell.angle_gamma   90.00
#
_symmetry.space_group_name_H-M   'P 1 21 1'
#
loop_
_entity.id
_entity.type
_entity.pdbx_description
1 polymer 'Coatomer subunit alpha'
2 non-polymer 'SODIUM ION'
3 water water
#
_entity_poly.entity_id   1
_entity_poly.type   'polypeptide(L)'
_entity_poly.pdbx_seq_one_letter_code
;(ACE)MEMLTKFESRSSRAKGVAFHPTQPWILTSLHNGRIQLWDYRMGTLLDRFDGHDGPVAGIAFHPTQPLFVSGGDDY
KVNVWNYKSRKLLFSLCGHMDYVRVCTFHHEYPWILSCSDDQTIRIWNWQSRNCIAILTGHSHYVMCAAFHPSEDLIVSA
SLDQTVRVWDISGLRMKNAAPVSMSKEDQKAQAHNSKSNDKKGSTDAIVKFVLEGHDRGVNWCAFHPTLPLILSAGDDRL
VKLWRMTASKAWEVDTCRGHFNNVSCCLFHPHQELILSASEDKTIRVWDLNRRTAVQTFRRDNDRFWFITVHPKLNLFAA
AHDSGVMVFKLESAWSHPQFEK
;
_entity_poly.pdbx_strand_id   A
#
loop_
_chem_comp.id
_chem_comp.type
_chem_comp.name
_chem_comp.formula
ACE non-polymer 'ACETYL GROUP' 'C2 H4 O'
NA non-polymer 'SODIUM ION' 'Na 1'
#
# COMPACT_ATOMS: atom_id res chain seq x y z
C ACE A 1 25.53 -5.36 0.80
O ACE A 1 25.66 -5.64 1.95
CH3 ACE A 1 26.42 -4.35 0.09
N MET A 2 24.49 -5.96 0.02
CA MET A 2 23.60 -6.92 0.65
C MET A 2 23.33 -8.01 -0.37
N GLU A 3 22.83 -9.14 0.13
CA GLU A 3 22.48 -10.27 -0.71
C GLU A 3 21.04 -10.64 -0.45
N MET A 4 20.41 -11.16 -1.50
CA MET A 4 19.05 -11.64 -1.44
C MET A 4 19.07 -13.15 -1.26
N LEU A 5 18.38 -13.63 -0.22
CA LEU A 5 18.17 -15.05 0.02
C LEU A 5 16.74 -15.35 -0.39
N THR A 6 16.56 -15.94 -1.57
CA THR A 6 15.23 -16.17 -2.12
C THR A 6 14.61 -17.41 -1.48
N LYS A 7 13.45 -17.23 -0.86
CA LYS A 7 12.78 -18.32 -0.18
C LYS A 7 11.72 -18.97 -1.05
N PHE A 8 11.12 -18.22 -1.96
CA PHE A 8 10.01 -18.72 -2.76
C PHE A 8 9.85 -17.83 -3.98
N GLU A 9 9.54 -18.45 -5.13
CA GLU A 9 9.16 -17.72 -6.32
C GLU A 9 7.96 -18.41 -6.96
N SER A 10 7.01 -17.61 -7.41
CA SER A 10 5.90 -18.07 -8.22
CA SER A 10 5.90 -18.07 -8.22
C SER A 10 6.07 -17.50 -9.62
N ARG A 11 6.12 -18.38 -10.62
CA ARG A 11 6.23 -17.96 -12.00
C ARG A 11 4.83 -17.88 -12.59
N SER A 12 4.51 -16.74 -13.18
CA SER A 12 3.16 -16.48 -13.66
C SER A 12 3.20 -15.32 -14.65
N SER A 13 2.05 -15.00 -15.22
CA SER A 13 1.86 -13.73 -15.89
C SER A 13 1.94 -12.60 -14.87
N ARG A 14 1.84 -11.36 -15.35
CA ARG A 14 2.19 -10.18 -14.55
C ARG A 14 1.42 -10.14 -13.23
N ALA A 15 2.15 -9.89 -12.14
CA ALA A 15 1.58 -9.70 -10.81
C ALA A 15 1.62 -8.21 -10.43
N LYS A 16 0.58 -7.75 -9.75
CA LYS A 16 0.44 -6.34 -9.39
C LYS A 16 0.55 -6.06 -7.90
N GLY A 17 0.20 -7.02 -7.04
CA GLY A 17 0.27 -6.80 -5.61
C GLY A 17 0.57 -8.09 -4.87
N VAL A 18 1.06 -7.93 -3.64
CA VAL A 18 1.35 -9.04 -2.73
C VAL A 18 1.01 -8.61 -1.32
N ALA A 19 0.54 -9.56 -0.51
CA ALA A 19 0.25 -9.26 0.89
C ALA A 19 0.68 -10.43 1.76
N PHE A 20 1.46 -10.12 2.80
CA PHE A 20 1.85 -11.12 3.79
C PHE A 20 0.73 -11.32 4.80
N HIS A 21 0.49 -12.57 5.16
CA HIS A 21 -0.31 -12.82 6.36
C HIS A 21 0.54 -12.57 7.59
N PRO A 22 -0.03 -12.04 8.67
CA PRO A 22 0.80 -11.69 9.83
C PRO A 22 1.39 -12.89 10.57
N THR A 23 0.74 -14.05 10.55
CA THR A 23 1.19 -15.17 11.39
C THR A 23 1.39 -16.48 10.63
N GLN A 24 0.58 -16.73 9.60
CA GLN A 24 0.77 -17.91 8.77
C GLN A 24 1.81 -17.62 7.69
N PRO A 25 2.53 -18.63 7.21
CA PRO A 25 3.54 -18.40 6.16
C PRO A 25 2.90 -18.28 4.77
N TRP A 26 2.03 -17.29 4.62
CA TRP A 26 1.22 -17.13 3.41
C TRP A 26 1.43 -15.77 2.77
N ILE A 27 1.32 -15.75 1.45
CA ILE A 27 1.12 -14.51 0.71
C ILE A 27 -0.11 -14.64 -0.17
N LEU A 28 -0.86 -13.56 -0.29
CA LEU A 28 -1.81 -13.37 -1.37
C LEU A 28 -1.09 -12.64 -2.51
N THR A 29 -1.42 -12.99 -3.74
CA THR A 29 -0.95 -12.24 -4.89
C THR A 29 -2.15 -11.81 -5.71
N SER A 30 -2.05 -10.63 -6.31
CA SER A 30 -3.09 -10.13 -7.20
C SER A 30 -2.50 -10.02 -8.59
N LEU A 31 -3.18 -10.61 -9.56
CA LEU A 31 -2.65 -10.74 -10.91
C LEU A 31 -3.37 -9.83 -11.90
N HIS A 32 -2.62 -9.43 -12.93
CA HIS A 32 -3.19 -8.66 -14.03
C HIS A 32 -4.34 -9.40 -14.70
N ASN A 33 -4.31 -10.74 -14.69
CA ASN A 33 -5.37 -11.52 -15.31
C ASN A 33 -6.65 -11.60 -14.46
N GLY A 34 -6.68 -10.97 -13.30
CA GLY A 34 -7.88 -10.91 -12.48
C GLY A 34 -7.93 -11.93 -11.35
N ARG A 35 -7.01 -12.88 -11.33
CA ARG A 35 -7.01 -13.89 -10.29
C ARG A 35 -6.23 -13.44 -9.07
N ILE A 36 -6.60 -14.00 -7.92
CA ILE A 36 -5.87 -13.83 -6.67
C ILE A 36 -5.38 -15.20 -6.24
N GLN A 37 -4.08 -15.33 -6.02
CA GLN A 37 -3.48 -16.58 -5.57
C GLN A 37 -3.18 -16.51 -4.07
N LEU A 38 -3.31 -17.65 -3.40
CA LEU A 38 -2.90 -17.78 -2.01
C LEU A 38 -1.84 -18.87 -1.93
N TRP A 39 -0.62 -18.48 -1.53
CA TRP A 39 0.52 -19.39 -1.50
C TRP A 39 1.03 -19.57 -0.08
N ASP A 40 1.38 -20.80 0.27
CA ASP A 40 2.26 -21.06 1.41
C ASP A 40 3.68 -20.95 0.88
N TYR A 41 4.39 -19.87 1.27
CA TYR A 41 5.73 -19.66 0.75
C TYR A 41 6.80 -20.47 1.49
N ARG A 42 6.46 -21.07 2.63
CA ARG A 42 7.42 -21.94 3.29
C ARG A 42 7.54 -23.27 2.55
N MET A 43 6.42 -23.83 2.09
CA MET A 43 6.42 -25.09 1.38
C MET A 43 6.29 -24.93 -0.12
N GLY A 44 5.94 -23.74 -0.61
CA GLY A 44 5.77 -23.54 -2.05
C GLY A 44 4.49 -24.13 -2.59
N THR A 45 3.40 -24.09 -1.81
CA THR A 45 2.16 -24.76 -2.16
C THR A 45 1.09 -23.74 -2.48
N LEU A 46 0.39 -23.93 -3.60
CA LEU A 46 -0.76 -23.10 -3.93
C LEU A 46 -1.94 -23.58 -3.11
N LEU A 47 -2.37 -22.76 -2.14
CA LEU A 47 -3.44 -23.16 -1.23
C LEU A 47 -4.82 -22.92 -1.85
N ASP A 48 -4.97 -21.86 -2.64
CA ASP A 48 -6.27 -21.49 -3.14
C ASP A 48 -6.08 -20.45 -4.24
N ARG A 49 -7.12 -20.30 -5.06
CA ARG A 49 -7.18 -19.27 -6.07
C ARG A 49 -8.59 -18.69 -6.01
N PHE A 50 -8.69 -17.37 -5.99
CA PHE A 50 -9.97 -16.71 -5.84
C PHE A 50 -10.27 -15.93 -7.11
N ASP A 51 -11.43 -16.21 -7.70
CA ASP A 51 -11.89 -15.55 -8.92
C ASP A 51 -13.12 -14.73 -8.54
N GLY A 52 -12.91 -13.47 -8.22
CA GLY A 52 -14.02 -12.60 -7.86
C GLY A 52 -13.97 -11.26 -8.55
N HIS A 53 -13.13 -11.15 -9.59
CA HIS A 53 -12.91 -9.89 -10.27
C HIS A 53 -12.96 -10.09 -11.78
N ASP A 54 -13.44 -9.06 -12.47
CA ASP A 54 -13.32 -8.95 -13.92
C ASP A 54 -12.20 -7.96 -14.21
N GLY A 55 -11.13 -8.44 -14.84
CA GLY A 55 -10.00 -7.59 -15.14
C GLY A 55 -8.98 -7.55 -14.01
N PRO A 56 -7.92 -6.78 -14.20
CA PRO A 56 -6.80 -6.77 -13.24
C PRO A 56 -7.22 -6.51 -11.79
N VAL A 57 -6.56 -7.19 -10.88
CA VAL A 57 -6.65 -6.92 -9.44
C VAL A 57 -5.33 -6.33 -9.01
N ALA A 58 -5.39 -5.23 -8.24
CA ALA A 58 -4.21 -4.57 -7.72
C ALA A 58 -4.19 -4.53 -6.20
N GLY A 59 -5.25 -4.02 -5.58
CA GLY A 59 -5.31 -3.93 -4.13
C GLY A 59 -5.54 -5.30 -3.51
N ILE A 60 -4.74 -5.64 -2.50
CA ILE A 60 -4.88 -6.90 -1.79
C ILE A 60 -4.25 -6.75 -0.40
N ALA A 61 -4.96 -7.19 0.63
CA ALA A 61 -4.41 -7.10 1.98
C ALA A 61 -5.19 -8.02 2.92
N PHE A 62 -4.47 -8.65 3.85
CA PHE A 62 -5.11 -9.35 4.94
C PHE A 62 -5.51 -8.38 6.04
N HIS A 63 -6.57 -8.73 6.76
CA HIS A 63 -6.82 -8.06 8.02
C HIS A 63 -5.75 -8.49 9.02
N PRO A 64 -5.34 -7.59 9.94
CA PRO A 64 -4.22 -7.94 10.83
C PRO A 64 -4.54 -9.01 11.87
N THR A 65 -5.80 -9.22 12.23
CA THR A 65 -6.15 -10.20 13.25
C THR A 65 -7.33 -11.11 12.90
N GLN A 66 -8.23 -10.71 12.02
CA GLN A 66 -9.42 -11.44 11.65
C GLN A 66 -9.17 -12.24 10.38
N PRO A 67 -9.90 -13.35 10.15
CA PRO A 67 -9.64 -14.23 8.99
C PRO A 67 -10.19 -13.70 7.66
N LEU A 68 -9.83 -12.47 7.33
CA LEU A 68 -10.41 -11.76 6.19
C LEU A 68 -9.29 -11.21 5.31
N PHE A 69 -9.64 -10.97 4.04
CA PHE A 69 -8.80 -10.17 3.17
C PHE A 69 -9.69 -9.28 2.30
N VAL A 70 -9.08 -8.23 1.74
CA VAL A 70 -9.78 -7.26 0.92
C VAL A 70 -9.03 -7.15 -0.41
N SER A 71 -9.79 -6.95 -1.50
CA SER A 71 -9.21 -6.84 -2.83
C SER A 71 -9.93 -5.78 -3.65
N GLY A 72 -9.20 -5.19 -4.60
CA GLY A 72 -9.78 -4.18 -5.47
C GLY A 72 -8.98 -4.06 -6.74
N GLY A 73 -9.66 -3.66 -7.81
CA GLY A 73 -8.97 -3.50 -9.08
C GLY A 73 -9.81 -2.83 -10.15
N ASP A 74 -9.68 -3.34 -11.38
CA ASP A 74 -10.24 -2.69 -12.55
C ASP A 74 -11.76 -2.61 -12.52
N ASP A 75 -12.45 -3.49 -11.80
CA ASP A 75 -13.91 -3.50 -11.82
C ASP A 75 -14.56 -2.62 -10.75
N TYR A 76 -13.77 -1.81 -10.03
CA TYR A 76 -14.26 -0.73 -9.17
C TYR A 76 -14.74 -1.19 -7.80
N LYS A 77 -15.00 -2.49 -7.63
CA LYS A 77 -15.55 -2.98 -6.38
C LYS A 77 -14.46 -3.25 -5.35
N VAL A 78 -14.79 -3.03 -4.09
CA VAL A 78 -13.92 -3.37 -2.97
C VAL A 78 -14.51 -4.62 -2.33
N ASN A 79 -13.84 -5.76 -2.53
CA ASN A 79 -14.38 -7.06 -2.13
C ASN A 79 -13.80 -7.48 -0.78
N VAL A 80 -14.65 -8.01 0.09
CA VAL A 80 -14.24 -8.54 1.39
C VAL A 80 -14.47 -10.04 1.40
N TRP A 81 -13.42 -10.79 1.71
CA TRP A 81 -13.42 -12.24 1.67
C TRP A 81 -13.09 -12.80 3.04
N ASN A 82 -13.57 -14.00 3.33
CA ASN A 82 -13.14 -14.78 4.48
C ASN A 82 -12.32 -15.95 3.95
N TYR A 83 -11.06 -16.05 4.39
CA TYR A 83 -10.20 -17.10 3.83
C TYR A 83 -10.43 -18.47 4.46
N LYS A 84 -11.09 -18.53 5.62
CA LYS A 84 -11.40 -19.82 6.23
C LYS A 84 -12.59 -20.48 5.55
N SER A 85 -13.66 -19.73 5.32
CA SER A 85 -14.81 -20.24 4.57
C SER A 85 -14.62 -20.15 3.06
N ARG A 86 -13.59 -19.43 2.61
CA ARG A 86 -13.31 -19.23 1.18
C ARG A 86 -14.50 -18.57 0.47
N LYS A 87 -15.13 -17.61 1.14
CA LYS A 87 -16.30 -16.92 0.63
C LYS A 87 -15.96 -15.48 0.31
N LEU A 88 -16.49 -14.99 -0.81
CA LEU A 88 -16.59 -13.55 -1.06
C LEU A 88 -17.82 -13.07 -0.32
N LEU A 89 -17.63 -12.37 0.80
CA LEU A 89 -18.74 -12.07 1.70
C LEU A 89 -19.63 -10.96 1.15
N PHE A 90 -19.01 -9.88 0.66
CA PHE A 90 -19.77 -8.77 0.11
C PHE A 90 -18.82 -7.91 -0.69
N SER A 91 -19.41 -7.02 -1.50
CA SER A 91 -18.68 -6.05 -2.28
C SER A 91 -19.14 -4.66 -1.88
N LEU A 92 -18.17 -3.75 -1.77
CA LEU A 92 -18.45 -2.36 -1.44
C LEU A 92 -18.36 -1.55 -2.72
N CYS A 93 -19.44 -0.88 -3.08
CA CYS A 93 -19.50 -0.13 -4.32
C CYS A 93 -19.59 1.36 -4.04
N GLY A 94 -18.98 2.14 -4.94
CA GLY A 94 -18.97 3.58 -4.80
C GLY A 94 -17.89 4.18 -5.67
N HIS A 95 -16.74 3.52 -5.77
CA HIS A 95 -15.72 3.99 -6.68
C HIS A 95 -16.21 3.91 -8.12
N MET A 96 -15.77 4.86 -8.93
CA MET A 96 -16.18 4.95 -10.33
CA MET A 96 -16.18 4.97 -10.32
C MET A 96 -15.07 4.60 -11.31
N ASP A 97 -13.94 4.11 -10.81
CA ASP A 97 -12.80 3.75 -11.65
C ASP A 97 -11.94 2.75 -10.87
N TYR A 98 -10.92 2.24 -11.55
CA TYR A 98 -9.94 1.27 -11.04
C TYR A 98 -9.53 1.56 -9.59
N VAL A 99 -9.58 0.52 -8.75
CA VAL A 99 -9.14 0.62 -7.36
C VAL A 99 -7.68 0.18 -7.27
N ARG A 100 -6.82 1.07 -6.78
CA ARG A 100 -5.38 0.83 -6.80
C ARG A 100 -4.87 0.15 -5.54
N VAL A 101 -5.40 0.53 -4.37
CA VAL A 101 -4.94 0.01 -3.09
C VAL A 101 -6.16 -0.14 -2.18
N CYS A 102 -6.17 -1.20 -1.36
CA CYS A 102 -7.16 -1.35 -0.30
CA CYS A 102 -7.15 -1.35 -0.30
C CYS A 102 -6.49 -2.02 0.90
N THR A 103 -6.77 -1.49 2.09
CA THR A 103 -6.17 -2.00 3.32
C THR A 103 -7.17 -1.88 4.45
N PHE A 104 -6.93 -2.63 5.53
CA PHE A 104 -7.70 -2.55 6.76
C PHE A 104 -6.99 -1.69 7.79
N HIS A 105 -7.76 -0.97 8.59
CA HIS A 105 -7.24 -0.28 9.76
C HIS A 105 -6.84 -1.29 10.83
N HIS A 106 -5.87 -0.90 11.66
CA HIS A 106 -5.32 -1.74 12.71
C HIS A 106 -6.18 -1.79 13.98
N GLU A 107 -7.18 -0.91 14.12
CA GLU A 107 -8.00 -0.87 15.32
C GLU A 107 -9.48 -0.68 15.00
N TYR A 108 -9.80 0.33 14.19
CA TYR A 108 -11.18 0.62 13.86
C TYR A 108 -11.66 -0.31 12.76
N PRO A 109 -12.97 -0.55 12.67
CA PRO A 109 -13.50 -1.49 11.67
C PRO A 109 -13.59 -0.87 10.28
N TRP A 110 -12.46 -0.41 9.77
CA TRP A 110 -12.43 0.40 8.55
C TRP A 110 -11.57 -0.23 7.47
N ILE A 111 -11.99 -0.01 6.23
CA ILE A 111 -11.19 -0.27 5.05
C ILE A 111 -10.89 1.07 4.38
N LEU A 112 -9.66 1.24 3.91
CA LEU A 112 -9.24 2.38 3.11
C LEU A 112 -9.08 1.90 1.67
N SER A 113 -9.62 2.64 0.71
CA SER A 113 -9.38 2.35 -0.70
C SER A 113 -9.09 3.64 -1.44
N CYS A 114 -8.34 3.55 -2.54
CA CYS A 114 -8.10 4.70 -3.39
C CYS A 114 -8.21 4.29 -4.84
N SER A 115 -8.45 5.27 -5.72
CA SER A 115 -8.96 4.96 -7.04
C SER A 115 -8.49 5.95 -8.10
N ASP A 116 -8.48 5.45 -9.35
CA ASP A 116 -8.32 6.30 -10.51
C ASP A 116 -9.44 7.32 -10.63
N ASP A 117 -10.55 7.15 -9.90
CA ASP A 117 -11.62 8.15 -9.87
C ASP A 117 -11.25 9.41 -9.10
N GLN A 118 -10.01 9.49 -8.60
CA GLN A 118 -9.42 10.68 -7.97
C GLN A 118 -9.85 10.82 -6.52
N THR A 119 -10.45 9.78 -5.94
CA THR A 119 -10.89 9.82 -4.56
C THR A 119 -10.26 8.72 -3.73
N ILE A 120 -10.30 8.94 -2.42
CA ILE A 120 -10.04 7.94 -1.40
C ILE A 120 -11.33 7.73 -0.66
N ARG A 121 -11.68 6.48 -0.39
CA ARG A 121 -12.88 6.18 0.38
C ARG A 121 -12.51 5.43 1.64
N ILE A 122 -13.22 5.72 2.73
CA ILE A 122 -13.13 4.95 3.96
C ILE A 122 -14.48 4.26 4.15
N TRP A 123 -14.44 2.97 4.43
CA TRP A 123 -15.62 2.14 4.58
C TRP A 123 -15.62 1.52 5.96
N ASN A 124 -16.80 1.29 6.52
CA ASN A 124 -16.96 0.50 7.73
C ASN A 124 -17.32 -0.92 7.27
N TRP A 125 -16.42 -1.88 7.52
CA TRP A 125 -16.64 -3.23 7.01
C TRP A 125 -17.61 -4.04 7.85
N GLN A 126 -18.00 -3.55 9.02
CA GLN A 126 -19.03 -4.21 9.83
C GLN A 126 -20.43 -3.72 9.47
N SER A 127 -20.60 -2.44 9.20
CA SER A 127 -21.89 -1.94 8.73
C SER A 127 -22.03 -1.98 7.22
N ARG A 128 -20.92 -2.14 6.49
CA ARG A 128 -20.90 -2.24 5.03
C ARG A 128 -21.32 -0.94 4.35
N ASN A 129 -20.93 0.19 4.93
CA ASN A 129 -21.24 1.51 4.41
C ASN A 129 -19.95 2.30 4.18
N CYS A 130 -19.98 3.18 3.18
CA CYS A 130 -18.93 4.17 3.04
C CYS A 130 -19.16 5.26 4.07
N ILE A 131 -18.13 5.57 4.84
CA ILE A 131 -18.22 6.59 5.89
C ILE A 131 -17.48 7.87 5.57
N ALA A 132 -16.65 7.91 4.52
CA ALA A 132 -16.02 9.16 4.11
C ALA A 132 -15.53 9.05 2.69
N ILE A 133 -15.65 10.15 1.94
CA ILE A 133 -15.06 10.29 0.61
C ILE A 133 -14.11 11.47 0.67
N LEU A 134 -12.83 11.21 0.40
CA LEU A 134 -11.78 12.22 0.50
C LEU A 134 -11.46 12.70 -0.91
N THR A 135 -11.86 13.93 -1.21
CA THR A 135 -11.70 14.49 -2.54
C THR A 135 -10.66 15.61 -2.55
N GLY A 136 -10.15 15.92 -3.73
CA GLY A 136 -9.17 16.99 -3.84
C GLY A 136 -8.03 16.66 -4.77
N HIS A 137 -7.59 15.41 -4.81
CA HIS A 137 -6.63 15.03 -5.85
C HIS A 137 -7.27 15.26 -7.22
N SER A 138 -6.40 15.52 -8.23
CA SER A 138 -6.88 15.88 -9.56
C SER A 138 -6.44 14.90 -10.64
N HIS A 139 -6.06 13.69 -10.25
CA HIS A 139 -5.64 12.62 -11.16
C HIS A 139 -5.74 11.35 -10.33
N TYR A 140 -5.38 10.21 -10.92
CA TYR A 140 -5.49 8.94 -10.22
C TYR A 140 -4.85 9.02 -8.84
N VAL A 141 -5.51 8.44 -7.84
CA VAL A 141 -4.87 8.22 -6.54
C VAL A 141 -4.24 6.84 -6.58
N MET A 142 -2.91 6.80 -6.66
CA MET A 142 -2.17 5.57 -6.87
C MET A 142 -1.92 4.81 -5.58
N CYS A 143 -2.01 5.47 -4.44
CA CYS A 143 -1.72 4.79 -3.18
C CYS A 143 -2.33 5.60 -2.05
N ALA A 144 -2.72 4.89 -0.99
CA ALA A 144 -3.12 5.51 0.27
C ALA A 144 -2.81 4.53 1.39
N ALA A 145 -2.51 5.08 2.57
CA ALA A 145 -2.18 4.26 3.73
C ALA A 145 -2.65 4.96 5.00
N PHE A 146 -3.13 4.17 5.96
CA PHE A 146 -3.40 4.67 7.30
C PHE A 146 -2.08 4.80 8.05
N HIS A 147 -1.95 5.86 8.84
CA HIS A 147 -0.85 5.94 9.80
C HIS A 147 -1.05 4.90 10.89
N PRO A 148 0.03 4.28 11.38
CA PRO A 148 -0.12 3.16 12.32
C PRO A 148 -0.54 3.56 13.74
N SER A 149 -0.47 4.84 14.11
CA SER A 149 -0.82 5.22 15.48
C SER A 149 -1.54 6.56 15.59
N GLU A 150 -1.59 7.36 14.54
CA GLU A 150 -2.27 8.65 14.57
C GLU A 150 -3.40 8.66 13.56
N ASP A 151 -4.35 9.57 13.75
CA ASP A 151 -5.51 9.65 12.88
C ASP A 151 -5.15 10.44 11.60
N LEU A 152 -4.31 9.79 10.78
CA LEU A 152 -3.82 10.37 9.53
C LEU A 152 -3.85 9.32 8.43
N ILE A 153 -3.99 9.79 7.19
CA ILE A 153 -3.83 9.01 5.97
C ILE A 153 -2.82 9.75 5.10
N VAL A 154 -1.96 9.01 4.42
CA VAL A 154 -1.12 9.58 3.37
C VAL A 154 -1.58 9.00 2.03
N SER A 155 -1.59 9.84 1.00
CA SER A 155 -1.97 9.42 -0.35
C SER A 155 -1.01 9.99 -1.38
N ALA A 156 -0.89 9.30 -2.50
CA ALA A 156 -0.03 9.71 -3.61
C ALA A 156 -0.84 9.69 -4.89
N SER A 157 -0.61 10.67 -5.77
CA SER A 157 -1.43 10.79 -6.97
C SER A 157 -0.60 11.17 -8.18
N LEU A 158 -1.09 10.76 -9.36
CA LEU A 158 -0.52 11.23 -10.62
C LEU A 158 -0.67 12.73 -10.82
N ASP A 159 -1.38 13.44 -9.93
CA ASP A 159 -1.43 14.89 -9.96
C ASP A 159 -0.15 15.54 -9.44
N GLN A 160 0.86 14.72 -9.13
CA GLN A 160 2.20 15.13 -8.70
CA GLN A 160 2.20 15.13 -8.70
C GLN A 160 2.27 15.52 -7.23
N THR A 161 1.26 15.18 -6.43
CA THR A 161 1.26 15.54 -5.03
C THR A 161 1.16 14.30 -4.12
N VAL A 162 1.66 14.49 -2.91
CA VAL A 162 1.44 13.58 -1.80
C VAL A 162 0.62 14.35 -0.76
N ARG A 163 -0.49 13.78 -0.33
CA ARG A 163 -1.36 14.44 0.64
C ARG A 163 -1.33 13.70 1.96
N VAL A 164 -1.30 14.44 3.06
CA VAL A 164 -1.54 13.90 4.38
C VAL A 164 -2.87 14.47 4.85
N TRP A 165 -3.79 13.59 5.25
CA TRP A 165 -5.14 13.94 5.63
C TRP A 165 -5.35 13.69 7.12
N ASP A 166 -6.04 14.62 7.78
CA ASP A 166 -6.38 14.49 9.20
C ASP A 166 -7.79 13.90 9.29
N ILE A 167 -7.88 12.69 9.84
CA ILE A 167 -9.17 11.99 9.99
C ILE A 167 -9.61 11.92 11.45
N SER A 168 -9.08 12.80 12.29
CA SER A 168 -9.48 12.78 13.69
CA SER A 168 -9.48 12.81 13.70
C SER A 168 -10.99 13.02 13.85
N GLY A 169 -11.58 13.85 13.00
CA GLY A 169 -13.01 14.11 13.11
C GLY A 169 -13.84 12.86 12.90
N LEU A 170 -13.47 12.05 11.90
CA LEU A 170 -14.16 10.79 11.67
C LEU A 170 -13.99 9.83 12.84
N ARG A 171 -12.78 9.75 13.40
CA ARG A 171 -12.54 8.86 14.52
C ARG A 171 -13.41 9.23 15.71
N MET A 172 -13.55 10.52 16.00
CA MET A 172 -14.29 10.96 17.17
C MET A 172 -15.79 10.79 17.06
N LYS A 173 -16.30 10.53 15.85
CA LYS A 173 -17.75 10.48 15.65
C LYS A 173 -18.42 9.35 16.41
N ASN A 174 -17.70 8.23 16.62
CA ASN A 174 -18.31 7.04 17.20
C ASN A 174 -18.77 7.29 18.62
N ALA A 175 -17.92 7.90 19.45
CA ALA A 175 -18.18 8.04 20.88
C ALA A 175 -18.78 9.38 21.26
N ALA A 176 -19.02 10.27 20.30
CA ALA A 176 -19.54 11.59 20.62
C ALA A 176 -20.95 11.49 21.20
N PRO A 177 -21.26 12.28 22.25
CA PRO A 177 -22.58 12.22 22.90
C PRO A 177 -23.66 12.93 22.09
N VAL A 178 -23.76 12.58 20.81
CA VAL A 178 -24.71 13.18 19.87
C VAL A 178 -25.92 12.28 19.73
N SER A 179 -27.11 12.87 19.89
CA SER A 179 -28.37 12.17 19.70
C SER A 179 -29.16 12.85 18.58
N MET A 180 -30.13 12.11 18.05
CA MET A 180 -30.89 12.56 16.90
C MET A 180 -32.34 12.13 17.07
N SER A 181 -33.26 13.09 16.94
CA SER A 181 -34.68 12.77 16.77
C SER A 181 -34.94 12.74 15.27
N LYS A 182 -35.25 11.55 14.76
CA LYS A 182 -35.34 11.36 13.31
C LYS A 182 -36.39 12.26 12.66
N GLU A 183 -37.44 12.61 13.41
CA GLU A 183 -38.48 13.47 12.86
C GLU A 183 -38.06 14.93 12.76
N ASP A 184 -36.88 15.29 13.27
CA ASP A 184 -36.43 16.68 13.29
C ASP A 184 -35.15 16.89 12.48
N GLN A 185 -34.87 16.02 11.52
CA GLN A 185 -33.67 16.14 10.70
C GLN A 185 -33.94 17.03 9.49
N LYS A 186 -32.88 17.71 9.03
CA LYS A 186 -32.96 18.41 7.76
C LYS A 186 -33.05 17.40 6.63
N ALA A 187 -33.35 17.90 5.42
CA ALA A 187 -33.31 17.05 4.24
C ALA A 187 -31.90 16.49 4.06
N GLN A 188 -31.81 15.22 3.71
CA GLN A 188 -30.52 14.54 3.59
C GLN A 188 -30.22 14.18 2.13
N THR A 201 -15.14 17.81 7.06
CA THR A 201 -15.03 17.92 8.51
C THR A 201 -14.41 16.65 9.09
N ASP A 202 -15.02 15.50 8.76
CA ASP A 202 -14.51 14.22 9.23
C ASP A 202 -13.09 13.96 8.71
N ALA A 203 -12.77 14.49 7.53
CA ALA A 203 -11.46 14.34 6.94
C ALA A 203 -11.12 15.64 6.25
N ILE A 204 -9.98 16.21 6.61
CA ILE A 204 -9.51 17.44 5.98
C ILE A 204 -8.06 17.23 5.56
N VAL A 205 -7.68 17.80 4.42
CA VAL A 205 -6.28 17.71 4.03
C VAL A 205 -5.45 18.58 4.97
N LYS A 206 -4.34 18.01 5.44
CA LYS A 206 -3.43 18.66 6.37
C LYS A 206 -2.18 19.20 5.67
N PHE A 207 -1.51 18.35 4.88
CA PHE A 207 -0.34 18.76 4.11
C PHE A 207 -0.56 18.38 2.66
N VAL A 208 -0.18 19.27 1.73
CA VAL A 208 -0.04 18.92 0.31
C VAL A 208 1.44 19.06 -0.01
N LEU A 209 2.13 17.93 -0.04
CA LEU A 209 3.57 17.89 -0.26
C LEU A 209 3.83 17.99 -1.76
N GLU A 210 4.33 19.16 -2.13
N GLU A 210 4.59 18.99 -2.20
CA GLU A 210 4.93 19.43 -3.41
CA GLU A 210 4.61 19.37 -3.62
C GLU A 210 6.42 19.17 -3.28
C GLU A 210 5.92 19.07 -4.36
N GLY A 211 6.99 18.63 -4.33
N GLY A 211 6.82 18.28 -3.77
CA GLY A 211 8.35 18.20 -4.30
CA GLY A 211 8.20 18.26 -4.26
C GLY A 211 8.59 17.34 -5.51
C GLY A 211 8.41 17.54 -5.58
N HIS A 212 7.61 16.51 -5.87
CA HIS A 212 7.72 15.75 -7.10
C HIS A 212 7.21 16.59 -8.28
N ASP A 213 7.90 16.51 -9.42
CA ASP A 213 7.49 17.23 -10.60
C ASP A 213 6.97 16.30 -11.70
N ARG A 214 6.67 15.06 -11.34
CA ARG A 214 5.92 14.12 -12.17
C ARG A 214 4.95 13.38 -11.25
N GLY A 215 4.13 12.51 -11.83
CA GLY A 215 3.15 11.78 -11.05
C GLY A 215 3.80 10.91 -9.98
N VAL A 216 3.08 10.74 -8.86
CA VAL A 216 3.55 9.96 -7.72
C VAL A 216 2.78 8.65 -7.68
N ASN A 217 3.50 7.53 -7.61
CA ASN A 217 2.90 6.21 -7.67
C ASN A 217 2.73 5.54 -6.31
N TRP A 218 3.46 5.98 -5.28
CA TRP A 218 3.44 5.25 -4.03
C TRP A 218 3.81 6.18 -2.89
N CYS A 219 3.31 5.85 -1.71
CA CYS A 219 3.65 6.54 -0.48
C CYS A 219 3.58 5.58 0.68
N ALA A 220 4.40 5.82 1.70
CA ALA A 220 4.47 4.91 2.84
C ALA A 220 4.82 5.69 4.10
N PHE A 221 4.22 5.30 5.21
CA PHE A 221 4.65 5.75 6.52
C PHE A 221 5.65 4.76 7.12
N HIS A 222 6.64 5.27 7.84
CA HIS A 222 7.43 4.38 8.67
C HIS A 222 6.55 3.86 9.81
N PRO A 223 6.68 2.59 10.19
CA PRO A 223 5.76 2.03 11.19
C PRO A 223 5.88 2.64 12.58
N THR A 224 7.02 3.26 12.91
CA THR A 224 7.24 3.79 14.26
C THR A 224 7.87 5.18 14.30
N LEU A 225 8.57 5.61 13.27
CA LEU A 225 9.22 6.91 13.22
C LEU A 225 8.37 7.88 12.39
N PRO A 226 8.50 9.19 12.63
CA PRO A 226 7.61 10.18 11.97
C PRO A 226 8.07 10.54 10.57
N LEU A 227 8.12 9.53 9.70
CA LEU A 227 8.72 9.66 8.37
C LEU A 227 7.75 9.17 7.31
N ILE A 228 7.87 9.74 6.12
CA ILE A 228 7.08 9.39 4.96
C ILE A 228 8.05 9.18 3.79
N LEU A 229 7.75 8.19 2.94
CA LEU A 229 8.45 7.99 1.68
C LEU A 229 7.46 8.14 0.54
N SER A 230 7.92 8.70 -0.58
CA SER A 230 7.10 8.80 -1.78
C SER A 230 7.96 8.57 -3.00
N ALA A 231 7.35 8.05 -4.07
CA ALA A 231 8.13 7.70 -5.24
C ALA A 231 7.26 7.76 -6.48
N GLY A 232 7.85 8.10 -7.60
CA GLY A 232 7.07 8.16 -8.82
C GLY A 232 7.77 8.22 -10.14
N ASP A 233 7.08 8.83 -11.10
CA ASP A 233 7.47 8.85 -12.50
C ASP A 233 8.66 9.75 -12.76
N ASP A 234 9.04 10.60 -11.79
CA ASP A 234 10.27 11.38 -11.87
C ASP A 234 11.50 10.55 -11.56
N ARG A 235 11.33 9.26 -11.27
CA ARG A 235 12.43 8.34 -10.95
C ARG A 235 12.97 8.55 -9.55
N LEU A 236 12.31 9.36 -8.73
CA LEU A 236 12.84 9.76 -7.43
C LEU A 236 12.10 9.07 -6.30
N VAL A 237 12.83 8.83 -5.21
CA VAL A 237 12.24 8.43 -3.93
C VAL A 237 12.54 9.55 -2.95
N LYS A 238 11.50 10.18 -2.42
CA LYS A 238 11.67 11.30 -1.50
C LYS A 238 11.36 10.88 -0.08
N LEU A 239 12.20 11.33 0.86
CA LEU A 239 12.01 11.11 2.28
C LEU A 239 11.55 12.41 2.93
N TRP A 240 10.47 12.33 3.72
CA TRP A 240 9.89 13.45 4.42
C TRP A 240 9.84 13.13 5.92
N ARG A 241 9.87 14.18 6.74
CA ARG A 241 9.74 14.03 8.18
C ARG A 241 8.68 15.00 8.68
N MET A 242 8.05 14.69 9.80
CA MET A 242 6.97 15.55 10.26
C MET A 242 6.86 15.58 11.77
N THR A 243 6.16 16.59 12.25
CA THR A 243 5.61 16.69 13.59
C THR A 243 4.09 16.86 13.43
N ALA A 244 3.41 17.08 14.56
CA ALA A 244 1.98 17.38 14.51
C ALA A 244 1.69 18.67 13.77
N SER A 245 2.65 19.58 13.67
CA SER A 245 2.38 20.91 13.14
CA SER A 245 2.39 20.91 13.14
C SER A 245 3.00 21.20 11.78
N LYS A 246 3.99 20.41 11.34
CA LYS A 246 4.64 20.73 10.08
C LYS A 246 5.31 19.49 9.52
N ALA A 247 5.74 19.59 8.27
CA ALA A 247 6.52 18.56 7.61
C ALA A 247 7.67 19.23 6.86
N TRP A 248 8.64 18.42 6.44
CA TRP A 248 9.74 18.92 5.65
C TRP A 248 10.30 17.81 4.78
N GLU A 249 10.78 18.19 3.60
CA GLU A 249 11.51 17.26 2.75
C GLU A 249 12.91 17.07 3.31
N VAL A 250 13.31 15.82 3.53
CA VAL A 250 14.63 15.52 4.09
C VAL A 250 15.66 15.37 2.98
N ASP A 251 15.40 14.51 2.01
CA ASP A 251 16.38 14.20 0.97
C ASP A 251 15.67 13.37 -0.10
N THR A 252 16.41 13.11 -1.17
CA THR A 252 15.93 12.35 -2.32
C THR A 252 16.94 11.24 -2.63
N CYS A 253 16.43 10.03 -2.85
CA CYS A 253 17.24 8.92 -3.35
C CYS A 253 17.22 8.98 -4.88
N ARG A 254 18.39 9.20 -5.48
CA ARG A 254 18.51 9.36 -6.92
C ARG A 254 19.25 8.17 -7.52
N GLY A 255 18.73 7.62 -8.60
CA GLY A 255 19.44 6.61 -9.35
C GLY A 255 18.55 5.73 -10.21
N HIS A 256 17.31 5.48 -9.81
CA HIS A 256 16.42 4.74 -10.70
C HIS A 256 16.38 5.41 -12.07
N PHE A 257 16.25 4.61 -13.12
CA PHE A 257 16.26 5.14 -14.48
C PHE A 257 14.94 4.89 -15.21
N ASN A 258 13.86 4.64 -14.47
CA ASN A 258 12.51 4.57 -15.01
C ASN A 258 11.58 4.80 -13.82
N ASN A 259 10.27 4.77 -14.07
CA ASN A 259 9.29 5.05 -13.03
C ASN A 259 9.53 4.19 -11.80
N VAL A 260 9.40 4.78 -10.62
CA VAL A 260 9.44 4.03 -9.37
C VAL A 260 8.01 3.64 -9.02
N SER A 261 7.76 2.35 -8.86
N SER A 261 7.76 2.34 -8.89
CA SER A 261 6.40 1.87 -8.65
CA SER A 261 6.44 1.80 -8.66
C SER A 261 6.04 1.71 -7.19
C SER A 261 6.05 1.77 -7.19
N CYS A 262 7.02 1.60 -6.30
CA CYS A 262 6.71 1.28 -4.91
C CYS A 262 7.94 1.55 -4.05
N CYS A 263 7.72 1.81 -2.77
CA CYS A 263 8.80 2.09 -1.84
C CYS A 263 8.31 1.80 -0.43
N LEU A 264 9.25 1.49 0.47
CA LEU A 264 8.89 1.18 1.85
C LEU A 264 10.10 1.37 2.76
N PHE A 265 9.82 1.42 4.05
CA PHE A 265 10.85 1.44 5.08
C PHE A 265 11.11 0.03 5.61
N HIS A 266 12.37 -0.30 5.79
CA HIS A 266 12.67 -1.49 6.60
C HIS A 266 12.26 -1.19 8.04
N PRO A 267 11.41 -2.01 8.67
CA PRO A 267 10.94 -1.67 10.03
C PRO A 267 12.03 -1.74 11.09
N HIS A 268 13.10 -2.51 10.86
CA HIS A 268 14.02 -2.85 11.94
C HIS A 268 15.47 -2.53 11.63
N GLN A 269 15.75 -1.97 10.47
CA GLN A 269 17.09 -1.52 10.11
CA GLN A 269 17.09 -1.52 10.09
C GLN A 269 16.96 -0.16 9.43
N GLU A 270 18.08 0.57 9.40
CA GLU A 270 18.09 1.94 8.87
C GLU A 270 18.23 1.91 7.35
N LEU A 271 17.18 1.41 6.69
CA LEU A 271 17.20 1.16 5.26
C LEU A 271 15.87 1.55 4.63
N ILE A 272 15.95 2.01 3.38
CA ILE A 272 14.81 2.31 2.51
C ILE A 272 14.89 1.33 1.36
N LEU A 273 13.74 0.82 0.89
CA LEU A 273 13.71 0.00 -0.31
C LEU A 273 12.76 0.60 -1.34
N SER A 274 13.11 0.45 -2.63
CA SER A 274 12.24 0.90 -3.69
C SER A 274 12.28 -0.11 -4.82
N ALA A 275 11.28 -0.08 -5.69
CA ALA A 275 11.16 -1.01 -6.81
C ALA A 275 10.65 -0.27 -8.03
N SER A 276 11.12 -0.67 -9.21
CA SER A 276 10.95 0.21 -10.36
C SER A 276 10.74 -0.55 -11.68
N GLU A 277 10.14 0.16 -12.64
CA GLU A 277 10.08 -0.29 -14.02
C GLU A 277 11.45 -0.37 -14.68
N ASP A 278 12.50 0.13 -14.03
CA ASP A 278 13.86 -0.08 -14.54
C ASP A 278 14.37 -1.49 -14.26
N LYS A 279 13.51 -2.36 -13.72
CA LYS A 279 13.81 -3.77 -13.46
C LYS A 279 14.70 -3.97 -12.25
N THR A 280 14.71 -2.99 -11.33
CA THR A 280 15.53 -3.10 -10.12
C THR A 280 14.72 -2.91 -8.84
N ILE A 281 15.19 -3.60 -7.82
CA ILE A 281 14.90 -3.28 -6.42
C ILE A 281 16.17 -2.63 -5.86
N ARG A 282 16.02 -1.49 -5.21
CA ARG A 282 17.17 -0.77 -4.65
C ARG A 282 17.01 -0.58 -3.16
N VAL A 283 18.12 -0.76 -2.46
CA VAL A 283 18.24 -0.54 -1.02
C VAL A 283 19.09 0.70 -0.81
N TRP A 284 18.64 1.57 0.10
CA TRP A 284 19.31 2.84 0.36
C TRP A 284 19.47 3.03 1.86
N ASP A 285 20.51 3.78 2.24
CA ASP A 285 20.74 4.08 3.64
C ASP A 285 19.74 5.14 4.11
N LEU A 286 19.08 4.89 5.25
CA LEU A 286 18.06 5.82 5.73
C LEU A 286 18.65 7.18 6.10
N ASN A 287 19.85 7.19 6.67
CA ASN A 287 20.44 8.41 7.22
C ASN A 287 21.17 9.26 6.19
N ARG A 288 21.65 8.67 5.11
CA ARG A 288 22.43 9.39 4.11
C ARG A 288 21.85 9.28 2.71
N ARG A 289 20.91 8.37 2.47
CA ARG A 289 20.26 8.15 1.18
C ARG A 289 21.22 7.64 0.13
N THR A 290 22.38 7.17 0.55
CA THR A 290 23.31 6.55 -0.39
CA THR A 290 23.31 6.55 -0.39
C THR A 290 22.83 5.16 -0.78
N ALA A 291 23.20 4.76 -1.99
CA ALA A 291 22.85 3.44 -2.49
C ALA A 291 23.60 2.39 -1.67
N VAL A 292 22.86 1.38 -1.19
CA VAL A 292 23.44 0.26 -0.45
C VAL A 292 23.59 -0.98 -1.34
N GLN A 293 22.57 -1.31 -2.12
CA GLN A 293 22.60 -2.50 -2.96
C GLN A 293 21.49 -2.40 -3.99
N THR A 294 21.75 -2.91 -5.19
CA THR A 294 20.73 -3.05 -6.22
C THR A 294 20.59 -4.51 -6.59
N PHE A 295 19.35 -4.94 -6.80
CA PHE A 295 19.02 -6.25 -7.32
C PHE A 295 18.24 -6.07 -8.62
N ARG A 296 18.48 -6.91 -9.62
CA ARG A 296 17.88 -6.74 -10.92
C ARG A 296 17.22 -8.02 -11.38
N ARG A 297 16.25 -7.89 -12.28
CA ARG A 297 15.79 -9.00 -13.10
C ARG A 297 15.99 -8.63 -14.56
N ASP A 298 16.47 -9.58 -15.36
CA ASP A 298 16.83 -9.25 -16.74
C ASP A 298 15.62 -8.83 -17.56
N ASN A 299 14.46 -9.44 -17.32
CA ASN A 299 13.32 -9.28 -18.21
C ASN A 299 12.09 -8.64 -17.56
N ASP A 300 12.10 -8.38 -16.26
CA ASP A 300 10.86 -8.10 -15.53
C ASP A 300 10.91 -6.73 -14.85
N ARG A 301 9.94 -5.88 -15.18
CA ARG A 301 9.67 -4.69 -14.39
C ARG A 301 9.06 -5.07 -13.04
N PHE A 302 9.39 -4.30 -12.00
CA PHE A 302 8.80 -4.47 -10.69
C PHE A 302 7.64 -3.51 -10.49
N TRP A 303 6.55 -4.03 -9.91
CA TRP A 303 5.35 -3.25 -9.67
C TRP A 303 5.04 -3.00 -8.20
N PHE A 304 5.61 -3.79 -7.29
CA PHE A 304 5.20 -3.70 -5.90
C PHE A 304 6.22 -4.41 -5.05
N ILE A 305 6.42 -3.89 -3.83
CA ILE A 305 7.22 -4.56 -2.82
C ILE A 305 6.52 -4.37 -1.49
N THR A 306 6.68 -5.35 -0.60
CA THR A 306 6.12 -5.30 0.73
C THR A 306 7.08 -5.98 1.71
N VAL A 307 6.99 -5.59 2.96
CA VAL A 307 7.79 -6.19 4.02
C VAL A 307 6.83 -6.80 5.04
N HIS A 308 7.18 -7.97 5.53
CA HIS A 308 6.43 -8.55 6.63
C HIS A 308 6.54 -7.61 7.82
N PRO A 309 5.47 -7.42 8.58
CA PRO A 309 5.52 -6.41 9.66
C PRO A 309 6.47 -6.79 10.77
N LYS A 310 6.66 -8.07 11.02
CA LYS A 310 7.48 -8.48 12.14
C LYS A 310 8.70 -9.25 11.71
N LEU A 311 8.57 -10.15 10.74
CA LEU A 311 9.71 -10.87 10.25
C LEU A 311 10.42 -9.99 9.23
N ASN A 312 11.72 -10.17 9.14
CA ASN A 312 12.50 -9.42 8.17
C ASN A 312 12.48 -10.20 6.86
N LEU A 313 11.30 -10.17 6.23
CA LEU A 313 10.97 -10.93 5.03
C LEU A 313 10.28 -9.98 4.07
N PHE A 314 10.62 -10.10 2.78
CA PHE A 314 10.13 -9.17 1.77
C PHE A 314 9.50 -9.94 0.62
N ALA A 315 8.59 -9.29 -0.08
CA ALA A 315 8.00 -9.87 -1.28
C ALA A 315 7.92 -8.80 -2.35
N ALA A 316 8.07 -9.23 -3.60
CA ALA A 316 8.00 -8.31 -4.74
C ALA A 316 7.16 -8.92 -5.85
N ALA A 317 6.38 -8.09 -6.53
CA ALA A 317 5.56 -8.48 -7.67
C ALA A 317 6.18 -7.89 -8.93
N HIS A 318 6.28 -8.70 -9.99
CA HIS A 318 6.91 -8.26 -11.22
C HIS A 318 6.20 -8.87 -12.41
N ASP A 319 6.72 -8.58 -13.62
CA ASP A 319 6.10 -9.00 -14.87
C ASP A 319 5.96 -10.51 -15.00
N SER A 320 6.74 -11.31 -14.27
CA SER A 320 6.69 -12.76 -14.41
C SER A 320 6.35 -13.49 -13.12
N GLY A 321 5.76 -12.81 -12.16
CA GLY A 321 5.34 -13.48 -10.94
C GLY A 321 5.75 -12.74 -9.69
N VAL A 322 6.01 -13.49 -8.62
CA VAL A 322 6.31 -12.92 -7.33
CA VAL A 322 6.27 -12.96 -7.30
C VAL A 322 7.49 -13.65 -6.70
N MET A 323 8.22 -12.95 -5.85
CA MET A 323 9.32 -13.52 -5.11
CA MET A 323 9.37 -13.46 -5.13
C MET A 323 9.21 -13.13 -3.65
N VAL A 324 9.62 -14.05 -2.78
CA VAL A 324 9.70 -13.82 -1.35
C VAL A 324 11.16 -14.04 -0.95
N PHE A 325 11.73 -13.09 -0.20
CA PHE A 325 13.16 -13.17 0.07
C PHE A 325 13.51 -12.51 1.40
N LYS A 326 14.64 -12.95 1.95
CA LYS A 326 15.30 -12.24 3.05
C LYS A 326 16.46 -11.44 2.51
N LEU A 327 16.86 -10.42 3.27
CA LEU A 327 17.99 -9.57 2.92
CA LEU A 327 17.97 -9.54 2.92
C LEU A 327 19.06 -9.72 3.98
N GLU A 328 20.29 -10.00 3.54
CA GLU A 328 21.40 -10.18 4.47
C GLU A 328 22.55 -9.29 4.05
N SER A 329 23.39 -8.95 5.02
CA SER A 329 24.62 -8.23 4.70
C SER A 329 25.47 -9.07 3.76
N ALA A 330 26.09 -8.43 2.76
CA ALA A 330 26.89 -9.17 1.80
C ALA A 330 28.04 -9.91 2.48
N TRP A 331 28.29 -11.13 2.02
CA TRP A 331 29.41 -11.94 2.51
C TRP A 331 29.26 -12.31 3.98
N SER A 332 28.03 -12.41 4.48
CA SER A 332 27.83 -12.82 5.86
C SER A 332 27.42 -14.29 5.98
N HIS A 333 27.40 -15.02 4.87
CA HIS A 333 27.14 -16.46 4.85
C HIS A 333 25.87 -16.87 5.58
N GLU A 337 17.46 -13.20 10.77
CA GLU A 337 16.50 -12.45 11.55
C GLU A 337 16.22 -11.10 10.90
NA NA B . 0.92 0.39 6.26
#